data_7UF1
#
_entry.id   7UF1
#
_cell.length_a   60.251
_cell.length_b   78.583
_cell.length_c   89.933
_cell.angle_alpha   90.000
_cell.angle_beta   90.000
_cell.angle_gamma   90.000
#
_symmetry.space_group_name_H-M   'C 2 2 21'
#
loop_
_entity.id
_entity.type
_entity.pdbx_description
1 polymer '3,4-dihydroxy-2-butanone 4-phosphate synthase'
2 non-polymer 'MANGANESE (II) ION'
3 non-polymer RIBOSE-5-PHOSPHATE
4 water water
#
_entity_poly.entity_id   1
_entity_poly.type   'polypeptide(L)'
_entity_poly.pdbx_seq_one_letter_code
;MNQSSLLAEFGDPITRVENALQALREGRGVLLLDDEDRENEGDIIYAVESLTTAQMALMIRECSGIVCLCLTEAQADRLA
LPPMVVNNNSANQTAFTVSIEAKHGVTTGVSAQDRVTTIKTAANPQAKPEDLARPGHVFPLRARAGGVLARRGHTEGTVD
LMQMAGLQPAGVLCELTNPDGSMAKTPEIIEFGKLHNMPVLTIEDMVQYRIQFDLKLA
;
_entity_poly.pdbx_strand_id   A
#
# COMPACT_ATOMS: atom_id res chain seq x y z
N GLN A 3 0.44 -21.79 -6.64
CA GLN A 3 0.74 -20.37 -6.76
C GLN A 3 2.23 -20.24 -6.96
N SER A 4 2.95 -20.86 -6.03
CA SER A 4 4.34 -21.25 -6.19
C SER A 4 4.84 -21.16 -7.63
N SER A 5 4.34 -22.08 -8.45
CA SER A 5 4.82 -22.20 -9.81
C SER A 5 4.35 -21.03 -10.66
N LEU A 6 3.16 -20.49 -10.37
CA LEU A 6 2.70 -19.32 -11.11
C LEU A 6 3.70 -18.19 -10.99
N LEU A 7 4.16 -17.92 -9.77
CA LEU A 7 5.09 -16.83 -9.54
C LEU A 7 6.53 -17.16 -9.89
N ALA A 8 6.83 -18.42 -10.23
CA ALA A 8 8.19 -18.78 -10.64
C ALA A 8 8.72 -17.86 -11.72
N GLU A 9 7.91 -17.54 -12.73
CA GLU A 9 8.36 -16.71 -13.84
C GLU A 9 8.80 -15.32 -13.39
N PHE A 10 8.34 -14.86 -12.23
CA PHE A 10 8.87 -13.62 -11.67
C PHE A 10 10.16 -13.82 -10.90
N GLY A 11 10.59 -15.06 -10.69
CA GLY A 11 11.85 -15.36 -10.01
C GLY A 11 11.61 -16.02 -8.65
N ASP A 12 12.71 -16.46 -8.06
CA ASP A 12 12.66 -17.03 -6.74
C ASP A 12 12.28 -15.95 -5.72
N PRO A 13 11.86 -16.33 -4.52
CA PRO A 13 11.36 -15.30 -3.58
C PRO A 13 12.31 -14.14 -3.37
N ILE A 14 13.61 -14.39 -3.24
CA ILE A 14 14.53 -13.29 -3.00
C ILE A 14 14.54 -12.35 -4.19
N THR A 15 14.69 -12.90 -5.39
CA THR A 15 14.60 -12.10 -6.61
C THR A 15 13.31 -11.32 -6.66
N ARG A 16 12.20 -11.97 -6.32
CA ARG A 16 10.91 -11.27 -6.38
C ARG A 16 10.93 -10.05 -5.49
N VAL A 17 11.54 -10.17 -4.31
CA VAL A 17 11.62 -9.03 -3.41
C VAL A 17 12.56 -7.97 -3.97
N GLU A 18 13.73 -8.37 -4.48
CA GLU A 18 14.70 -7.39 -4.93
C GLU A 18 14.18 -6.63 -6.12
N ASN A 19 13.41 -7.30 -6.98
CA ASN A 19 12.86 -6.64 -8.16
C ASN A 19 11.80 -5.62 -7.76
N ALA A 20 10.97 -5.98 -6.78
CA ALA A 20 9.97 -5.03 -6.30
C ALA A 20 10.62 -3.80 -5.68
N LEU A 21 11.65 -3.99 -4.86
CA LEU A 21 12.34 -2.85 -4.26
C LEU A 21 12.89 -1.93 -5.34
N GLN A 22 13.50 -2.50 -6.38
CA GLN A 22 14.10 -1.69 -7.45
C GLN A 22 13.04 -0.96 -8.26
N ALA A 23 11.93 -1.62 -8.57
CA ALA A 23 10.81 -0.89 -9.15
C ALA A 23 10.43 0.32 -8.31
N LEU A 24 10.28 0.12 -6.99
CA LEU A 24 9.86 1.24 -6.14
C LEU A 24 10.89 2.36 -6.20
N ARG A 25 12.19 2.00 -6.17
CA ARG A 25 13.21 3.05 -6.22
C ARG A 25 13.08 3.85 -7.51
N GLU A 26 12.68 3.18 -8.59
CA GLU A 26 12.50 3.79 -9.89
C GLU A 26 11.19 4.56 -9.99
N GLY A 27 10.40 4.60 -8.93
CA GLY A 27 9.12 5.27 -8.99
C GLY A 27 8.01 4.46 -9.65
N ARG A 28 8.20 3.16 -9.84
CA ARG A 28 7.17 2.33 -10.44
C ARG A 28 6.38 1.62 -9.34
N GLY A 29 5.24 1.05 -9.73
CA GLY A 29 4.42 0.30 -8.82
C GLY A 29 4.72 -1.21 -8.84
N VAL A 30 4.24 -1.90 -7.80
CA VAL A 30 4.37 -3.34 -7.63
C VAL A 30 3.02 -3.90 -7.20
N LEU A 31 2.90 -5.21 -7.28
CA LEU A 31 1.68 -5.90 -6.88
C LEU A 31 2.00 -6.89 -5.76
N LEU A 32 1.29 -6.79 -4.66
CA LEU A 32 1.62 -7.55 -3.47
C LEU A 32 0.45 -8.47 -3.13
N LEU A 33 0.76 -9.75 -3.00
CA LEU A 33 -0.22 -10.75 -2.62
C LEU A 33 0.01 -11.11 -1.15
N ASP A 34 -1.07 -11.17 -0.39
CA ASP A 34 -0.97 -11.70 0.97
C ASP A 34 -1.13 -13.22 0.89
N ASP A 35 -1.30 -13.85 2.05
CA ASP A 35 -1.32 -15.30 2.14
C ASP A 35 -2.56 -15.85 1.44
N GLU A 36 -2.41 -17.01 0.80
CA GLU A 36 -3.54 -17.64 0.16
C GLU A 36 -4.66 -17.92 1.17
N ASP A 37 -4.28 -18.20 2.43
CA ASP A 37 -5.24 -18.50 3.50
C ASP A 37 -5.83 -17.26 4.16
N ARG A 38 -5.49 -16.07 3.67
CA ARG A 38 -5.98 -14.83 4.28
C ARG A 38 -6.95 -14.15 3.32
N GLU A 39 -6.57 -13.00 2.77
CA GLU A 39 -7.40 -12.36 1.76
C GLU A 39 -7.19 -12.98 0.40
N ASN A 40 -5.98 -13.46 0.08
CA ASN A 40 -5.69 -13.98 -1.25
C ASN A 40 -6.01 -12.94 -2.31
N GLU A 41 -5.55 -11.73 -2.07
CA GLU A 41 -5.80 -10.60 -2.95
C GLU A 41 -4.46 -10.00 -3.30
N GLY A 42 -4.44 -9.29 -4.43
CA GLY A 42 -3.29 -8.54 -4.84
C GLY A 42 -3.62 -7.05 -4.78
N ASP A 43 -2.70 -6.30 -4.22
CA ASP A 43 -2.84 -4.87 -4.13
C ASP A 43 -1.77 -4.24 -5.01
N ILE A 44 -2.17 -3.24 -5.78
CA ILE A 44 -1.22 -2.31 -6.33
C ILE A 44 -0.65 -1.49 -5.19
N ILE A 45 0.68 -1.34 -5.16
CA ILE A 45 1.38 -0.53 -4.17
C ILE A 45 2.23 0.51 -4.91
N TYR A 46 2.14 1.76 -4.51
CA TYR A 46 3.03 2.81 -4.99
C TYR A 46 3.69 3.54 -3.83
N ALA A 47 4.92 3.99 -4.03
CA ALA A 47 5.55 4.84 -3.04
C ALA A 47 4.97 6.25 -3.10
N VAL A 48 4.73 6.84 -1.93
CA VAL A 48 4.16 8.18 -1.89
C VAL A 48 5.12 9.19 -2.48
N GLU A 49 6.42 9.05 -2.21
CA GLU A 49 7.45 9.97 -2.68
C GLU A 49 7.37 10.36 -4.16
N SER A 50 7.00 9.39 -4.98
CA SER A 50 7.04 9.52 -6.42
C SER A 50 5.65 9.41 -7.01
N LEU A 51 4.62 9.43 -6.16
CA LEU A 51 3.25 9.23 -6.60
C LEU A 51 2.83 10.34 -7.57
N THR A 52 2.18 9.95 -8.67
CA THR A 52 1.76 10.89 -9.69
C THR A 52 0.25 10.79 -9.86
N THR A 53 -0.33 11.78 -10.52
CA THR A 53 -1.77 11.72 -10.78
C THR A 53 -2.12 10.55 -11.67
N ALA A 54 -1.28 10.27 -12.67
CA ALA A 54 -1.57 9.15 -13.58
C ALA A 54 -1.47 7.82 -12.85
N GLN A 55 -0.57 7.68 -11.88
CA GLN A 55 -0.54 6.47 -11.08
C GLN A 55 -1.81 6.36 -10.23
N MET A 56 -2.22 7.45 -9.59
CA MET A 56 -3.48 7.42 -8.87
C MET A 56 -4.65 7.07 -9.79
N ALA A 57 -4.70 7.67 -10.99
CA ALA A 57 -5.81 7.37 -11.90
C ALA A 57 -5.81 5.90 -12.30
N LEU A 58 -4.64 5.30 -12.47
CA LEU A 58 -4.59 3.87 -12.78
C LEU A 58 -5.18 3.06 -11.63
N MET A 59 -4.78 3.36 -10.40
CA MET A 59 -5.36 2.65 -9.27
C MET A 59 -6.87 2.77 -9.27
N ILE A 60 -7.41 3.98 -9.47
CA ILE A 60 -8.86 4.16 -9.36
C ILE A 60 -9.57 3.36 -10.45
N ARG A 61 -9.03 3.40 -11.67
CA ARG A 61 -9.66 2.71 -12.80
C ARG A 61 -9.64 1.21 -12.62
N GLU A 62 -8.54 0.68 -12.08
CA GLU A 62 -8.28 -0.75 -12.14
C GLU A 62 -8.53 -1.46 -10.82
N CYS A 63 -8.64 -0.71 -9.72
CA CYS A 63 -8.77 -1.30 -8.39
C CYS A 63 -10.14 -0.95 -7.77
N SER A 64 -10.28 -1.21 -6.46
CA SER A 64 -11.56 -1.01 -5.79
C SER A 64 -11.94 0.45 -5.71
N GLY A 65 -10.97 1.34 -5.93
CA GLY A 65 -11.16 2.74 -5.72
C GLY A 65 -11.04 3.19 -4.27
N ILE A 66 -10.97 2.27 -3.32
CA ILE A 66 -10.83 2.66 -1.92
C ILE A 66 -9.34 2.67 -1.67
N VAL A 67 -8.70 3.79 -2.00
CA VAL A 67 -7.25 3.89 -1.97
C VAL A 67 -6.80 4.25 -0.55
N CYS A 68 -5.86 3.46 -0.03
CA CYS A 68 -5.42 3.58 1.34
C CYS A 68 -3.99 4.10 1.39
N LEU A 69 -3.73 4.93 2.41
CA LEU A 69 -2.41 5.52 2.67
C LEU A 69 -1.82 4.82 3.89
N CYS A 70 -0.78 4.02 3.67
CA CYS A 70 -0.14 3.24 4.72
C CYS A 70 0.96 4.08 5.36
N LEU A 71 0.84 4.27 6.66
CA LEU A 71 1.66 5.18 7.45
C LEU A 71 2.32 4.44 8.60
N THR A 72 3.45 4.94 9.04
CA THR A 72 3.97 4.46 10.31
C THR A 72 3.02 4.90 11.43
N GLU A 73 3.10 4.20 12.56
CA GLU A 73 2.42 4.65 13.77
C GLU A 73 2.84 6.06 14.14
N ALA A 74 4.12 6.36 14.01
CA ALA A 74 4.61 7.69 14.35
C ALA A 74 3.94 8.76 13.50
N GLN A 75 3.91 8.57 12.18
CA GLN A 75 3.29 9.55 11.28
C GLN A 75 1.79 9.70 11.58
N ALA A 76 1.10 8.57 11.78
CA ALA A 76 -0.30 8.61 12.13
C ALA A 76 -0.52 9.40 13.44
N ASP A 77 0.37 9.24 14.41
CA ASP A 77 0.21 10.00 15.65
C ASP A 77 0.50 11.48 15.40
N ARG A 78 1.49 11.78 14.57
CA ARG A 78 1.77 13.18 14.25
C ARG A 78 0.54 13.86 13.66
N LEU A 79 -0.22 13.14 12.82
CA LEU A 79 -1.44 13.68 12.22
C LEU A 79 -2.63 13.66 13.17
N ALA A 80 -2.49 13.14 14.39
CA ALA A 80 -3.61 12.99 15.32
C ALA A 80 -4.75 12.21 14.67
N LEU A 81 -4.40 11.03 14.17
CA LEU A 81 -5.36 10.17 13.52
C LEU A 81 -5.69 8.97 14.39
N PRO A 82 -6.77 9.01 15.16
CA PRO A 82 -7.16 7.85 15.94
C PRO A 82 -7.81 6.79 15.07
N PRO A 83 -7.82 5.53 15.51
CA PRO A 83 -8.54 4.50 14.76
C PRO A 83 -9.96 4.94 14.46
N MET A 84 -10.46 4.55 13.30
CA MET A 84 -11.83 4.93 12.94
C MET A 84 -12.85 4.41 13.94
N VAL A 85 -12.65 3.20 14.44
CA VAL A 85 -13.50 2.61 15.47
C VAL A 85 -12.62 2.07 16.58
N VAL A 86 -13.08 2.24 17.82
CA VAL A 86 -12.27 1.83 18.97
C VAL A 86 -12.23 0.31 19.12
N ASN A 87 -13.38 -0.35 18.95
CA ASN A 87 -13.47 -1.80 19.04
C ASN A 87 -13.70 -2.38 17.63
N ASN A 88 -12.64 -2.29 16.82
CA ASN A 88 -12.53 -2.87 15.48
C ASN A 88 -12.89 -4.35 15.49
N ASN A 89 -14.03 -4.71 14.85
CA ASN A 89 -14.42 -6.12 14.75
C ASN A 89 -14.47 -6.59 13.29
N SER A 90 -13.77 -5.88 12.39
CA SER A 90 -13.50 -6.36 11.05
C SER A 90 -12.61 -7.60 11.09
N ALA A 91 -12.65 -8.38 10.01
CA ALA A 91 -12.15 -9.75 10.05
C ALA A 91 -10.64 -9.82 10.21
N ASN A 92 -9.90 -8.82 9.74
CA ASN A 92 -8.46 -8.79 9.94
C ASN A 92 -8.00 -7.71 10.91
N GLN A 93 -8.91 -6.89 11.42
CA GLN A 93 -8.53 -5.74 12.26
C GLN A 93 -7.72 -4.72 11.46
N THR A 94 -8.15 -4.48 10.21
CA THR A 94 -7.51 -3.46 9.37
C THR A 94 -7.52 -2.12 10.11
N ALA A 95 -6.34 -1.50 10.22
CA ALA A 95 -6.15 -0.37 11.13
C ALA A 95 -6.53 0.96 10.47
N PHE A 96 -7.76 1.01 9.97
CA PHE A 96 -8.31 2.24 9.42
C PHE A 96 -8.36 3.35 10.47
N THR A 97 -7.75 4.49 10.16
CA THR A 97 -8.04 5.72 10.90
C THR A 97 -9.32 6.35 10.36
N VAL A 98 -9.76 7.45 10.97
CA VAL A 98 -10.73 8.27 10.27
C VAL A 98 -10.15 8.68 8.91
N SER A 99 -11.04 8.88 7.94
CA SER A 99 -10.62 9.27 6.59
C SER A 99 -10.21 10.75 6.60
N ILE A 100 -9.42 11.12 5.59
CA ILE A 100 -8.79 12.44 5.55
C ILE A 100 -8.98 13.10 4.19
N GLU A 101 -8.85 14.42 4.21
CA GLU A 101 -8.87 15.27 3.02
C GLU A 101 -7.86 16.39 3.25
N ALA A 102 -7.05 16.71 2.27
CA ALA A 102 -6.25 17.92 2.41
C ALA A 102 -7.16 19.09 2.75
N LYS A 103 -6.75 19.90 3.74
CA LYS A 103 -7.50 21.10 4.04
C LYS A 103 -7.36 22.13 2.92
N HIS A 104 -6.19 22.21 2.31
CA HIS A 104 -6.00 23.15 1.21
C HIS A 104 -5.48 22.46 -0.05
N GLY A 105 -5.80 23.07 -1.19
CA GLY A 105 -5.33 22.63 -2.48
C GLY A 105 -6.15 21.56 -3.19
N VAL A 106 -7.38 21.35 -2.77
CA VAL A 106 -8.26 20.33 -3.30
C VAL A 106 -9.65 20.95 -3.37
N THR A 107 -10.55 20.29 -4.08
CA THR A 107 -11.90 20.78 -4.25
C THR A 107 -12.79 19.73 -3.56
N THR A 108 -13.31 18.75 -4.29
CA THR A 108 -14.16 17.74 -3.67
C THR A 108 -13.38 16.59 -3.07
N GLY A 109 -12.11 16.44 -3.42
CA GLY A 109 -11.24 15.48 -2.78
C GLY A 109 -11.09 14.17 -3.53
N VAL A 110 -12.00 13.88 -4.47
CA VAL A 110 -12.05 12.55 -5.04
C VAL A 110 -11.32 12.40 -6.37
N SER A 111 -11.01 13.50 -7.06
CA SER A 111 -10.23 13.38 -8.29
C SER A 111 -8.88 12.73 -8.01
N ALA A 112 -8.31 12.08 -9.02
CA ALA A 112 -6.99 11.50 -8.84
C ALA A 112 -6.02 12.55 -8.28
N GLN A 113 -6.04 13.76 -8.82
CA GLN A 113 -5.11 14.78 -8.37
C GLN A 113 -5.34 15.14 -6.90
N ASP A 114 -6.60 15.30 -6.52
CA ASP A 114 -6.94 15.68 -5.15
C ASP A 114 -6.48 14.59 -4.21
N ARG A 115 -6.64 13.33 -4.59
CA ARG A 115 -6.21 12.27 -3.68
C ARG A 115 -4.72 12.33 -3.49
N VAL A 116 -3.98 12.58 -4.57
CA VAL A 116 -2.54 12.67 -4.47
C VAL A 116 -2.16 13.85 -3.59
N THR A 117 -2.77 15.01 -3.81
CA THR A 117 -2.55 16.15 -2.94
C THR A 117 -2.78 15.78 -1.46
N THR A 118 -3.90 15.10 -1.16
CA THR A 118 -4.15 14.73 0.25
C THR A 118 -3.08 13.78 0.77
N ILE A 119 -2.68 12.82 -0.06
CA ILE A 119 -1.74 11.80 0.39
C ILE A 119 -0.38 12.42 0.66
N LYS A 120 0.05 13.33 -0.20
CA LYS A 120 1.33 14.00 -0.01
C LYS A 120 1.29 14.94 1.17
N THR A 121 0.14 15.58 1.40
CA THR A 121 -0.01 16.44 2.59
C THR A 121 0.14 15.60 3.85
N ALA A 122 -0.51 14.43 3.87
CA ALA A 122 -0.50 13.58 5.05
C ALA A 122 0.88 12.98 5.29
N ALA A 123 1.52 12.48 4.24
CA ALA A 123 2.81 11.81 4.38
C ALA A 123 3.96 12.77 4.66
N ASN A 124 3.75 14.07 4.51
CA ASN A 124 4.84 15.02 4.72
C ASN A 124 5.39 14.86 6.13
N PRO A 125 6.69 14.61 6.30
CA PRO A 125 7.19 14.42 7.68
C PRO A 125 6.99 15.67 8.54
N GLN A 126 6.81 16.84 7.94
CA GLN A 126 6.57 18.07 8.67
C GLN A 126 5.09 18.37 8.83
N ALA A 127 4.22 17.43 8.48
CA ALA A 127 2.79 17.64 8.52
C ALA A 127 2.33 17.90 9.95
N LYS A 128 1.20 18.60 10.05
CA LYS A 128 0.50 18.79 11.31
C LYS A 128 -0.97 18.42 11.17
N PRO A 129 -1.63 18.06 12.28
CA PRO A 129 -3.05 17.68 12.19
C PRO A 129 -3.89 18.64 11.41
N GLU A 130 -3.70 19.95 11.58
CA GLU A 130 -4.59 20.92 10.95
C GLU A 130 -4.49 20.91 9.45
N ASP A 131 -3.49 20.22 8.88
CA ASP A 131 -3.36 20.18 7.44
C ASP A 131 -4.42 19.32 6.78
N LEU A 132 -5.09 18.49 7.57
CA LEU A 132 -6.06 17.51 7.05
C LEU A 132 -7.44 17.75 7.65
N ALA A 133 -8.43 17.95 6.79
CA ALA A 133 -9.80 17.81 7.24
C ALA A 133 -10.15 16.34 7.45
N ARG A 134 -11.13 16.10 8.31
CA ARG A 134 -11.74 14.79 8.47
C ARG A 134 -13.24 15.01 8.55
N PRO A 135 -14.04 14.14 7.91
CA PRO A 135 -13.61 13.00 7.10
C PRO A 135 -13.21 13.41 5.67
N GLY A 136 -12.80 12.44 4.87
CA GLY A 136 -12.50 12.67 3.47
C GLY A 136 -12.46 11.38 2.67
N HIS A 137 -11.66 11.41 1.61
CA HIS A 137 -11.70 10.38 0.58
C HIS A 137 -10.38 9.63 0.44
N VAL A 138 -9.43 9.89 1.33
CA VAL A 138 -8.24 9.07 1.49
C VAL A 138 -8.34 8.36 2.83
N PHE A 139 -7.94 7.08 2.86
CA PHE A 139 -8.13 6.20 4.00
C PHE A 139 -6.80 5.72 4.56
N PRO A 140 -6.33 6.37 5.61
CA PRO A 140 -5.05 5.96 6.19
C PRO A 140 -5.18 4.70 7.01
N LEU A 141 -4.10 3.94 6.98
CA LEU A 141 -3.94 2.71 7.76
C LEU A 141 -2.66 2.81 8.58
N ARG A 142 -2.72 2.37 9.83
CA ARG A 142 -1.55 2.31 10.70
C ARG A 142 -0.86 0.96 10.56
N ALA A 143 0.39 0.96 10.08
CA ALA A 143 1.18 -0.26 10.02
C ALA A 143 1.75 -0.59 11.40
N ARG A 144 1.66 -1.87 11.80
CA ARG A 144 2.19 -2.32 13.08
C ARG A 144 3.71 -2.18 13.12
N ALA A 145 4.23 -1.74 14.27
CA ALA A 145 5.66 -1.84 14.52
C ALA A 145 6.12 -3.28 14.30
N GLY A 146 7.22 -3.42 13.59
CA GLY A 146 7.75 -4.71 13.21
C GLY A 146 7.36 -5.13 11.82
N GLY A 147 6.39 -4.46 11.21
CA GLY A 147 6.05 -4.75 9.83
C GLY A 147 5.54 -6.16 9.65
N VAL A 148 5.91 -6.77 8.52
CA VAL A 148 5.37 -8.07 8.15
C VAL A 148 5.88 -9.14 9.11
N LEU A 149 6.97 -8.88 9.83
CA LEU A 149 7.39 -9.82 10.86
C LEU A 149 6.52 -9.77 12.11
N ALA A 150 5.67 -8.77 12.27
CA ALA A 150 4.71 -8.71 13.36
C ALA A 150 3.29 -8.93 12.90
N ARG A 151 2.94 -8.50 11.69
CA ARG A 151 1.59 -8.66 11.17
C ARG A 151 1.65 -8.83 9.66
N ARG A 152 1.07 -9.92 9.16
CA ARG A 152 1.18 -10.24 7.74
C ARG A 152 0.09 -9.57 6.89
N GLY A 153 -0.06 -8.27 7.00
CA GLY A 153 -1.00 -7.55 6.18
C GLY A 153 -0.32 -6.76 5.08
N HIS A 154 -1.12 -6.39 4.07
CA HIS A 154 -0.61 -5.53 3.02
C HIS A 154 -0.17 -4.20 3.59
N THR A 155 -0.82 -3.72 4.65
CA THR A 155 -0.44 -2.45 5.26
C THR A 155 1.02 -2.50 5.67
N GLU A 156 1.41 -3.56 6.39
CA GLU A 156 2.79 -3.69 6.84
C GLU A 156 3.71 -3.97 5.66
N GLY A 157 3.28 -4.80 4.71
CA GLY A 157 4.07 -5.02 3.51
C GLY A 157 4.42 -3.72 2.81
N THR A 158 3.43 -2.84 2.68
CA THR A 158 3.65 -1.58 1.99
C THR A 158 4.72 -0.75 2.67
N VAL A 159 4.57 -0.51 3.96
CA VAL A 159 5.54 0.32 4.66
C VAL A 159 6.90 -0.37 4.67
N ASP A 160 6.92 -1.68 4.92
CA ASP A 160 8.18 -2.41 4.89
C ASP A 160 8.86 -2.28 3.53
N LEU A 161 8.10 -2.38 2.43
CA LEU A 161 8.70 -2.23 1.10
C LEU A 161 9.39 -0.86 0.96
N MET A 162 8.73 0.20 1.41
CA MET A 162 9.33 1.53 1.33
C MET A 162 10.62 1.60 2.16
N GLN A 163 10.58 1.10 3.39
CA GLN A 163 11.78 1.12 4.22
C GLN A 163 12.91 0.30 3.60
N MET A 164 12.59 -0.93 3.17
CA MET A 164 13.62 -1.79 2.60
C MET A 164 14.25 -1.15 1.37
N ALA A 165 13.47 -0.32 0.65
CA ALA A 165 13.93 0.30 -0.58
C ALA A 165 14.65 1.62 -0.34
N GLY A 166 14.72 2.06 0.91
CA GLY A 166 15.34 3.33 1.22
C GLY A 166 14.48 4.53 0.97
N LEU A 167 13.17 4.35 0.85
CA LEU A 167 12.26 5.44 0.56
C LEU A 167 11.56 5.97 1.82
N GLN A 168 10.90 7.10 1.67
CA GLN A 168 10.09 7.63 2.76
C GLN A 168 9.06 6.57 3.14
N PRO A 169 8.86 6.31 4.43
CA PRO A 169 8.06 5.14 4.85
C PRO A 169 6.56 5.36 4.76
N ALA A 170 6.09 5.62 3.55
CA ALA A 170 4.68 5.80 3.27
C ALA A 170 4.39 5.27 1.86
N GLY A 171 3.26 4.60 1.73
CA GLY A 171 2.89 4.03 0.44
C GLY A 171 1.39 4.03 0.35
N VAL A 172 0.88 3.87 -0.88
CA VAL A 172 -0.55 3.70 -1.10
C VAL A 172 -0.79 2.30 -1.65
N LEU A 173 -1.98 1.76 -1.34
CA LEU A 173 -2.40 0.46 -1.84
C LEU A 173 -3.86 0.52 -2.24
N CYS A 174 -4.26 -0.42 -3.08
CA CYS A 174 -5.65 -0.61 -3.46
C CYS A 174 -5.75 -1.96 -4.16
N GLU A 175 -6.89 -2.63 -3.94
CA GLU A 175 -7.06 -4.04 -4.35
C GLU A 175 -7.40 -4.17 -5.82
N LEU A 176 -6.61 -4.96 -6.54
CA LEU A 176 -6.87 -5.13 -7.96
C LEU A 176 -8.21 -5.84 -8.17
N THR A 177 -9.05 -5.24 -9.00
CA THR A 177 -10.40 -5.69 -9.27
C THR A 177 -10.53 -6.03 -10.76
N ASN A 178 -11.23 -7.13 -11.05
CA ASN A 178 -11.52 -7.50 -12.42
C ASN A 178 -12.65 -6.65 -12.95
N PRO A 179 -12.75 -6.49 -14.27
CA PRO A 179 -13.85 -5.68 -14.81
C PRO A 179 -15.22 -6.09 -14.26
N ASP A 180 -15.46 -7.39 -14.06
CA ASP A 180 -16.80 -7.78 -13.66
C ASP A 180 -17.10 -7.51 -12.20
N GLY A 181 -16.15 -6.96 -11.42
CA GLY A 181 -16.37 -6.67 -10.03
C GLY A 181 -15.78 -7.67 -9.06
N SER A 182 -15.51 -8.91 -9.50
CA SER A 182 -14.82 -9.83 -8.61
C SER A 182 -13.39 -9.35 -8.44
N MET A 183 -12.77 -9.82 -7.38
CA MET A 183 -11.40 -9.46 -7.09
C MET A 183 -10.45 -10.30 -7.92
N ALA A 184 -9.38 -9.67 -8.36
CA ALA A 184 -8.36 -10.38 -9.10
C ALA A 184 -7.73 -11.46 -8.23
N LYS A 185 -7.60 -12.65 -8.79
CA LYS A 185 -6.84 -13.73 -8.19
C LYS A 185 -5.48 -13.83 -8.90
N THR A 186 -4.63 -14.70 -8.38
CA THR A 186 -3.22 -14.67 -8.79
C THR A 186 -3.02 -14.73 -10.31
N PRO A 187 -3.77 -15.50 -11.10
CA PRO A 187 -3.51 -15.51 -12.55
C PRO A 187 -3.73 -14.14 -13.17
N GLU A 188 -4.80 -13.46 -12.74
CA GLU A 188 -5.12 -12.12 -13.24
C GLU A 188 -4.10 -11.08 -12.77
N ILE A 189 -3.64 -11.21 -11.53
CA ILE A 189 -2.60 -10.33 -11.01
C ILE A 189 -1.31 -10.47 -11.81
N ILE A 190 -0.87 -11.71 -12.04
CA ILE A 190 0.35 -11.90 -12.83
C ILE A 190 0.19 -11.31 -14.21
N GLU A 191 -0.96 -11.56 -14.86
CA GLU A 191 -1.21 -10.99 -16.18
C GLU A 191 -1.23 -9.46 -16.14
N PHE A 192 -1.91 -8.88 -15.15
CA PHE A 192 -1.91 -7.42 -15.02
C PHE A 192 -0.51 -6.90 -14.77
N GLY A 193 0.28 -7.63 -13.99
CA GLY A 193 1.65 -7.21 -13.73
C GLY A 193 2.51 -7.23 -14.99
N LYS A 194 2.39 -8.29 -15.78
CA LYS A 194 3.09 -8.30 -17.06
C LYS A 194 2.67 -7.11 -17.93
N LEU A 195 1.37 -6.84 -18.03
CA LEU A 195 0.91 -5.78 -18.92
C LEU A 195 1.44 -4.43 -18.48
N HIS A 196 1.50 -4.18 -17.17
CA HIS A 196 1.87 -2.88 -16.67
C HIS A 196 3.30 -2.85 -16.14
N ASN A 197 4.08 -3.89 -16.45
CA ASN A 197 5.49 -3.92 -16.11
C ASN A 197 5.68 -3.64 -14.62
N MET A 198 4.86 -4.33 -13.83
CA MET A 198 4.91 -4.23 -12.39
C MET A 198 5.35 -5.58 -11.81
N PRO A 199 6.39 -5.60 -11.00
CA PRO A 199 6.81 -6.85 -10.35
C PRO A 199 5.74 -7.35 -9.40
N VAL A 200 5.69 -8.67 -9.19
CA VAL A 200 4.74 -9.31 -8.29
C VAL A 200 5.52 -9.99 -7.18
N LEU A 201 5.01 -9.87 -5.96
CA LEU A 201 5.63 -10.59 -4.84
C LEU A 201 4.56 -10.87 -3.80
N THR A 202 4.92 -11.69 -2.82
CA THR A 202 4.00 -12.04 -1.75
C THR A 202 4.53 -11.58 -0.39
N ILE A 203 3.63 -11.52 0.61
CA ILE A 203 4.08 -11.24 1.96
C ILE A 203 5.01 -12.35 2.46
N GLU A 204 4.71 -13.60 2.09
CA GLU A 204 5.60 -14.71 2.42
C GLU A 204 7.01 -14.45 1.91
N ASP A 205 7.12 -13.91 0.69
CA ASP A 205 8.43 -13.57 0.13
C ASP A 205 9.15 -12.58 1.03
N MET A 206 8.42 -11.56 1.47
CA MET A 206 8.96 -10.52 2.33
C MET A 206 9.37 -11.07 3.69
N VAL A 207 8.55 -11.93 4.30
CA VAL A 207 8.90 -12.46 5.61
C VAL A 207 10.19 -13.30 5.49
N GLN A 208 10.22 -14.22 4.53
CA GLN A 208 11.45 -14.98 4.23
C GLN A 208 12.65 -14.05 4.10
N TYR A 209 12.49 -13.03 3.26
CA TYR A 209 13.59 -12.12 2.97
C TYR A 209 14.04 -11.39 4.23
N ARG A 210 13.10 -10.79 4.97
CA ARG A 210 13.50 -10.05 6.16
C ARG A 210 14.22 -10.97 7.15
N ILE A 211 13.66 -12.14 7.43
CA ILE A 211 14.29 -13.04 8.39
C ILE A 211 15.71 -13.41 7.94
N GLN A 212 15.86 -13.81 6.67
CA GLN A 212 17.14 -14.34 6.22
C GLN A 212 18.23 -13.27 6.20
N PHE A 213 17.87 -12.01 6.02
CA PHE A 213 18.82 -10.92 6.03
C PHE A 213 18.74 -10.10 7.31
N ASP A 214 18.54 -10.80 8.44
CA ASP A 214 18.31 -10.23 9.77
C ASP A 214 18.01 -8.74 9.67
N LEU A 215 16.90 -8.42 8.99
CA LEU A 215 16.59 -7.07 8.60
C LEU A 215 15.51 -6.55 9.55
N LYS A 216 15.93 -5.88 10.64
CA LYS A 216 15.01 -4.99 11.32
C LYS A 216 14.90 -3.65 10.57
N LEU A 217 13.72 -3.06 10.64
CA LEU A 217 13.47 -1.75 10.08
C LEU A 217 12.82 -0.79 11.06
#